data_5GVD
#
_entry.id   5GVD
#
_cell.length_a   85.669
_cell.length_b   85.669
_cell.length_c   104.207
_cell.angle_alpha   90.00
_cell.angle_beta   90.00
_cell.angle_gamma   120.00
#
_symmetry.space_group_name_H-M   'P 65'
#
loop_
_entity.id
_entity.type
_entity.pdbx_description
1 polymer 'Tudor domain-containing protein 3'
2 non-polymer 'PHOSPHATE ION'
3 non-polymer 1,2-ETHANEDIOL
4 non-polymer 'MAGNESIUM ION'
5 water water
#
_entity_poly.entity_id   1
_entity_poly.type   'polypeptide(L)'
_entity_poly.pdbx_seq_one_letter_code
;GPGHMAQVAGAALSQAGWYLSDEGIEACTSSPDKVNVNDIILIALNTDLRTIGKKFLPSDINSGKVEKLEGPCVLQIQKI
RNVAAPKDNEESQAAPRMLRLQMTDGHISCTAVEFSYMSKISLNTPPGTKVKLSGIVDIKNGFLLLNDSNTTVLGGEVEH
LIEKW
;
_entity_poly.pdbx_strand_id   A,B
#
# COMPACT_ATOMS: atom_id res chain seq x y z
N GLY A 1 9.48 -32.76 33.61
CA GLY A 1 9.45 -34.02 32.81
C GLY A 1 8.73 -33.66 31.50
N PRO A 2 8.18 -34.64 30.78
CA PRO A 2 7.68 -34.36 29.43
C PRO A 2 6.52 -33.40 29.41
N GLY A 3 5.64 -33.41 30.43
CA GLY A 3 4.51 -32.51 30.43
C GLY A 3 4.92 -31.06 30.57
N HIS A 4 5.75 -30.77 31.57
CA HIS A 4 6.15 -29.40 31.74
C HIS A 4 7.12 -29.00 30.64
N MET A 5 7.90 -29.92 30.09
CA MET A 5 8.81 -29.49 29.01
C MET A 5 7.96 -29.13 27.79
N ALA A 6 6.94 -29.92 27.45
CA ALA A 6 6.08 -29.54 26.31
C ALA A 6 5.41 -28.19 26.56
N GLN A 7 5.03 -27.92 27.80
CA GLN A 7 4.39 -26.64 28.12
C GLN A 7 5.29 -25.45 27.86
N VAL A 8 6.53 -25.53 28.36
CA VAL A 8 7.45 -24.38 28.21
C VAL A 8 7.86 -24.23 26.75
N ALA A 9 7.92 -25.33 26.00
CA ALA A 9 8.26 -25.23 24.58
C ALA A 9 7.12 -24.57 23.79
N GLY A 10 5.90 -24.96 24.13
CA GLY A 10 4.72 -24.40 23.49
C GLY A 10 4.60 -22.88 23.78
N ALA A 11 4.95 -22.50 24.99
CA ALA A 11 4.98 -21.07 25.37
C ALA A 11 6.00 -20.33 24.53
N ALA A 12 7.18 -20.92 24.36
CA ALA A 12 8.25 -20.26 23.59
C ALA A 12 7.82 -20.09 22.15
N LEU A 13 7.19 -21.12 21.55
CA LEU A 13 6.70 -21.02 20.16
C LEU A 13 5.66 -19.90 20.01
N SER A 14 4.73 -19.80 20.93
CA SER A 14 3.64 -18.79 20.83
C SER A 14 4.23 -17.41 20.99
N GLN A 15 5.19 -17.27 21.89
CA GLN A 15 5.81 -15.96 22.14
C GLN A 15 6.54 -15.44 20.91
N ALA A 16 7.08 -16.37 20.13
CA ALA A 16 7.78 -16.05 18.90
C ALA A 16 6.84 -15.80 17.72
N GLY A 17 5.55 -16.01 17.87
CA GLY A 17 4.65 -15.70 16.79
C GLY A 17 4.12 -16.87 16.00
N TRP A 18 4.55 -18.07 16.38
CA TRP A 18 4.05 -19.25 15.65
C TRP A 18 2.67 -19.61 16.06
N TYR A 19 1.85 -19.94 15.10
CA TYR A 19 0.51 -20.44 15.35
C TYR A 19 0.37 -21.85 14.84
N LEU A 20 0.89 -22.82 15.61
CA LEU A 20 0.78 -24.22 15.18
C LEU A 20 -0.32 -24.91 16.00
N SER A 21 -1.02 -25.86 15.39
CA SER A 21 -2.07 -26.59 16.12
C SER A 21 -1.40 -27.55 17.13
N ASP A 22 -2.15 -28.04 18.12
CA ASP A 22 -1.53 -28.97 19.06
C ASP A 22 -0.98 -30.21 18.30
N GLU A 23 -1.76 -30.72 17.35
CA GLU A 23 -1.32 -31.87 16.57
C GLU A 23 -0.13 -31.52 15.72
N GLY A 24 -0.09 -30.27 15.24
CA GLY A 24 1.09 -29.82 14.47
C GLY A 24 2.35 -29.81 15.30
N ILE A 25 2.24 -29.35 16.54
CA ILE A 25 3.41 -29.27 17.39
C ILE A 25 3.87 -30.70 17.70
N GLU A 26 2.93 -31.61 17.98
CA GLU A 26 3.34 -33.03 18.19
C GLU A 26 4.06 -33.58 16.96
N ALA A 27 3.50 -33.29 15.77
CA ALA A 27 4.13 -33.78 14.57
C ALA A 27 5.57 -33.30 14.40
N CYS A 28 5.84 -32.06 14.83
CA CYS A 28 7.17 -31.45 14.71
C CYS A 28 8.09 -31.76 15.83
N THR A 29 7.61 -32.49 16.85
CA THR A 29 8.45 -32.82 17.99
C THR A 29 9.05 -34.24 17.83
N SER A 30 10.37 -34.36 17.88
CA SER A 30 10.92 -35.68 17.54
C SER A 30 10.68 -36.73 18.59
N SER A 31 10.53 -36.34 19.85
CA SER A 31 10.20 -37.28 20.95
C SER A 31 9.66 -36.51 22.10
N PRO A 32 8.67 -37.04 22.86
CA PRO A 32 8.21 -36.33 24.05
C PRO A 32 9.30 -36.22 25.10
N ASP A 33 10.35 -37.03 24.95
CA ASP A 33 11.50 -36.94 25.85
C ASP A 33 12.69 -36.15 25.24
N LYS A 34 12.51 -35.52 24.07
CA LYS A 34 13.60 -34.72 23.48
C LYS A 34 12.94 -33.51 22.84
N VAL A 35 12.35 -32.68 23.67
CA VAL A 35 11.62 -31.51 23.22
C VAL A 35 12.63 -30.35 23.07
N ASN A 36 12.77 -29.83 21.85
CA ASN A 36 13.80 -28.79 21.56
C ASN A 36 13.17 -27.78 20.63
N VAL A 37 12.88 -26.60 21.15
CA VAL A 37 12.18 -25.58 20.32
C VAL A 37 12.93 -25.34 19.00
N ASN A 38 14.25 -25.37 19.01
CA ASN A 38 15.02 -25.15 17.76
C ASN A 38 14.66 -26.19 16.71
N ASP A 39 14.53 -27.45 17.17
CA ASP A 39 14.22 -28.51 16.20
C ASP A 39 12.75 -28.48 15.77
N ILE A 40 11.84 -28.08 16.67
CA ILE A 40 10.42 -27.91 16.33
C ILE A 40 10.32 -26.82 15.25
N ILE A 41 11.01 -25.70 15.52
CA ILE A 41 11.03 -24.60 14.53
C ILE A 41 11.68 -25.04 13.22
N LEU A 42 12.81 -25.75 13.27
CA LEU A 42 13.42 -26.20 12.02
C LEU A 42 12.47 -27.06 11.21
N ILE A 43 11.83 -28.03 11.86
CA ILE A 43 10.88 -28.86 11.09
C ILE A 43 9.70 -28.02 10.58
N ALA A 44 9.18 -27.13 11.43
CA ALA A 44 8.01 -26.30 11.00
C ALA A 44 8.37 -25.39 9.81
N LEU A 45 9.60 -24.87 9.84
CA LEU A 45 10.04 -24.00 8.72
C LEU A 45 9.97 -24.75 7.41
N ASN A 46 10.27 -26.04 7.47
CA ASN A 46 10.34 -26.84 6.28
C ASN A 46 9.06 -27.68 6.04
N THR A 47 7.94 -27.32 6.70
CA THR A 47 6.70 -28.03 6.59
C THR A 47 5.58 -27.09 6.18
N ASP A 48 4.61 -27.62 5.44
CA ASP A 48 3.48 -26.80 4.99
C ASP A 48 2.59 -26.43 6.13
N LEU A 49 2.35 -25.12 6.34
CA LEU A 49 1.38 -24.72 7.35
C LEU A 49 -0.02 -25.25 7.13
N ARG A 50 -0.40 -25.66 5.92
CA ARG A 50 -1.73 -26.29 5.73
C ARG A 50 -1.82 -27.60 6.52
N THR A 51 -0.67 -28.20 6.75
CA THR A 51 -0.62 -29.48 7.49
C THR A 51 -0.56 -29.27 9.00
N ILE A 52 0.21 -28.28 9.46
CA ILE A 52 0.49 -28.15 10.89
C ILE A 52 0.06 -26.84 11.58
N GLY A 53 -0.48 -25.90 10.80
CA GLY A 53 -0.78 -24.60 11.37
C GLY A 53 -2.18 -24.51 11.94
N LYS A 54 -2.34 -23.52 12.80
CA LYS A 54 -3.61 -23.18 13.40
C LYS A 54 -4.07 -21.86 12.78
N LYS A 55 -5.36 -21.75 12.47
CA LYS A 55 -5.93 -20.53 11.88
C LYS A 55 -5.71 -19.34 12.79
N PHE A 56 -5.28 -18.22 12.23
CA PHE A 56 -5.26 -17.02 13.05
C PHE A 56 -5.67 -15.78 12.24
N LEU A 57 -5.65 -15.87 10.91
CA LEU A 57 -6.07 -14.72 10.11
C LEU A 57 -7.60 -14.62 10.12
N PRO A 58 -8.12 -13.39 10.09
CA PRO A 58 -9.57 -13.18 9.95
C PRO A 58 -10.08 -13.71 8.61
N SER A 59 -11.19 -14.44 8.63
CA SER A 59 -11.73 -15.05 7.43
C SER A 59 -11.97 -14.08 6.29
N ASP A 60 -12.30 -12.84 6.62
CA ASP A 60 -12.64 -11.86 5.60
C ASP A 60 -11.48 -10.93 5.27
N ILE A 61 -10.24 -11.38 5.49
CA ILE A 61 -9.11 -10.49 5.34
C ILE A 61 -8.95 -9.96 3.91
N ASN A 62 -9.48 -10.65 2.92
CA ASN A 62 -9.34 -10.19 1.53
C ASN A 62 -10.47 -9.30 1.05
N SER A 63 -11.45 -9.10 1.92
CA SER A 63 -12.70 -8.40 1.58
C SER A 63 -12.59 -6.87 1.55
N GLY A 64 -11.54 -6.31 2.13
CA GLY A 64 -11.48 -4.88 2.32
C GLY A 64 -11.96 -4.48 3.70
N LYS A 65 -12.77 -5.31 4.34
CA LYS A 65 -13.34 -4.95 5.65
C LYS A 65 -12.28 -4.93 6.76
N VAL A 66 -11.21 -5.71 6.60
CA VAL A 66 -10.14 -5.72 7.60
C VAL A 66 -9.10 -4.69 7.27
N GLU A 67 -8.76 -3.83 8.23
CA GLU A 67 -7.82 -2.73 7.94
C GLU A 67 -6.45 -2.86 8.59
N LYS A 68 -6.34 -3.74 9.59
CA LYS A 68 -5.08 -3.89 10.29
C LYS A 68 -4.89 -5.36 10.74
N LEU A 69 -3.64 -5.75 10.95
CA LEU A 69 -3.33 -7.10 11.44
C LEU A 69 -2.19 -6.92 12.39
N GLU A 70 -2.31 -7.43 13.61
CA GLU A 70 -1.24 -7.21 14.56
C GLU A 70 -0.35 -8.44 14.72
N GLY A 71 0.97 -8.25 14.74
CA GLY A 71 1.92 -9.32 15.00
C GLY A 71 2.15 -9.54 16.47
N PRO A 72 3.14 -10.37 16.83
CA PRO A 72 3.94 -11.20 15.90
C PRO A 72 3.13 -12.36 15.32
N CYS A 73 3.36 -12.69 14.05
CA CYS A 73 2.73 -13.90 13.53
C CYS A 73 3.56 -14.43 12.37
N VAL A 74 3.64 -15.76 12.29
CA VAL A 74 4.39 -16.44 11.25
C VAL A 74 3.46 -16.88 10.16
N LEU A 75 3.76 -16.44 8.92
CA LEU A 75 2.98 -16.83 7.75
C LEU A 75 3.86 -17.58 6.74
N GLN A 76 3.21 -18.26 5.81
CA GLN A 76 3.94 -18.99 4.76
C GLN A 76 3.74 -18.35 3.38
N ILE A 77 4.82 -18.17 2.64
CA ILE A 77 4.72 -17.65 1.28
C ILE A 77 4.35 -18.76 0.32
N GLN A 78 3.22 -18.64 -0.37
CA GLN A 78 2.80 -19.60 -1.39
C GLN A 78 3.39 -19.33 -2.76
N LYS A 79 3.66 -18.06 -3.06
CA LYS A 79 4.02 -17.67 -4.43
C LYS A 79 4.50 -16.24 -4.41
N ILE A 80 5.55 -15.95 -5.17
CA ILE A 80 6.06 -14.58 -5.28
C ILE A 80 5.98 -14.12 -6.73
N ARG A 81 5.56 -12.88 -6.96
CA ARG A 81 5.71 -12.26 -8.30
C ARG A 81 6.44 -10.90 -8.22
N ASN A 82 7.39 -10.65 -9.13
CA ASN A 82 8.06 -9.35 -9.18
C ASN A 82 7.17 -8.26 -9.76
N ALA A 95 16.29 3.42 -4.64
CA ALA A 95 14.94 2.85 -4.74
C ALA A 95 14.89 1.32 -4.46
N PRO A 96 13.85 0.85 -3.74
CA PRO A 96 13.72 -0.55 -3.29
C PRO A 96 13.10 -1.45 -4.37
N ARG A 97 13.05 -2.76 -4.12
CA ARG A 97 12.36 -3.67 -5.02
C ARG A 97 10.92 -3.82 -4.54
N MET A 98 10.01 -4.16 -5.44
CA MET A 98 8.63 -4.41 -5.03
C MET A 98 8.11 -5.77 -5.47
N LEU A 99 7.73 -6.61 -4.50
CA LEU A 99 7.19 -7.93 -4.82
C LEU A 99 5.73 -8.07 -4.41
N ARG A 100 4.99 -8.91 -5.10
CA ARG A 100 3.64 -9.30 -4.69
C ARG A 100 3.70 -10.75 -4.11
N LEU A 101 3.27 -10.93 -2.86
CA LEU A 101 3.32 -12.25 -2.15
C LEU A 101 1.96 -12.82 -1.90
N GLN A 102 1.76 -14.07 -2.27
CA GLN A 102 0.57 -14.78 -1.86
C GLN A 102 0.98 -15.62 -0.60
N MET A 103 0.23 -15.48 0.48
CA MET A 103 0.63 -16.08 1.80
C MET A 103 -0.54 -16.82 2.41
N THR A 104 -0.26 -17.63 3.44
CA THR A 104 -1.30 -18.36 4.11
C THR A 104 -0.89 -18.63 5.54
N ASP A 105 -1.88 -18.76 6.43
CA ASP A 105 -1.66 -19.28 7.79
C ASP A 105 -1.92 -20.79 7.82
N GLY A 106 -2.17 -21.38 6.65
CA GLY A 106 -2.54 -22.79 6.53
C GLY A 106 -4.01 -22.98 6.36
N HIS A 107 -4.79 -21.90 6.50
CA HIS A 107 -6.24 -21.97 6.43
C HIS A 107 -6.82 -20.86 5.54
N ILE A 108 -6.41 -19.65 5.81
CA ILE A 108 -6.84 -18.47 5.03
C ILE A 108 -5.68 -17.97 4.20
N SER A 109 -5.95 -17.62 2.93
CA SER A 109 -4.96 -16.99 2.07
C SER A 109 -5.04 -15.49 2.14
N CYS A 110 -3.91 -14.83 1.99
CA CYS A 110 -3.92 -13.37 1.90
C CYS A 110 -2.85 -12.93 0.92
N THR A 111 -2.87 -11.64 0.57
CA THR A 111 -1.98 -11.12 -0.43
C THR A 111 -1.23 -9.95 0.17
N ALA A 112 0.06 -9.82 -0.14
CA ALA A 112 0.79 -8.67 0.32
C ALA A 112 1.56 -8.00 -0.82
N VAL A 113 1.92 -6.72 -0.63
CA VAL A 113 2.95 -6.14 -1.45
C VAL A 113 4.06 -5.80 -0.53
N GLU A 114 5.27 -5.97 -1.00
CA GLU A 114 6.41 -5.88 -0.17
C GLU A 114 7.38 -4.93 -0.85
N PHE A 115 7.85 -3.93 -0.11
CA PHE A 115 8.94 -3.03 -0.57
C PHE A 115 10.20 -3.23 0.23
N SER A 116 11.27 -3.73 -0.39
CA SER A 116 12.50 -3.99 0.35
C SER A 116 13.75 -3.35 -0.26
N TYR A 117 14.47 -2.60 0.56
CA TYR A 117 15.77 -2.07 0.15
C TYR A 117 16.85 -3.14 0.31
N MET A 118 16.86 -3.81 1.46
CA MET A 118 17.96 -4.70 1.79
C MET A 118 17.86 -6.07 1.14
N SER A 119 16.82 -6.25 0.33
CA SER A 119 16.76 -7.37 -0.61
C SER A 119 16.92 -8.76 0.04
N LYS A 120 16.05 -9.10 0.99
CA LYS A 120 16.16 -10.43 1.62
C LYS A 120 15.07 -11.38 1.11
N ILE A 121 14.05 -10.81 0.48
CA ILE A 121 13.09 -11.58 -0.31
C ILE A 121 13.33 -11.27 -1.80
N SER A 122 13.47 -12.28 -2.64
CA SER A 122 13.61 -12.06 -4.07
C SER A 122 12.59 -12.92 -4.80
N LEU A 123 12.56 -12.86 -6.13
CA LEU A 123 11.66 -13.74 -6.84
C LEU A 123 12.17 -15.19 -6.73
N ASN A 124 13.44 -15.36 -6.36
CA ASN A 124 14.05 -16.67 -6.10
C ASN A 124 13.70 -17.27 -4.73
N THR A 125 13.07 -16.48 -3.87
CA THR A 125 12.77 -16.98 -2.51
C THR A 125 11.81 -18.19 -2.66
N PRO A 126 12.17 -19.32 -2.06
CA PRO A 126 11.43 -20.57 -2.37
C PRO A 126 10.01 -20.59 -1.85
N PRO A 127 9.07 -21.19 -2.60
CA PRO A 127 7.74 -21.34 -2.00
C PRO A 127 7.83 -22.13 -0.72
N GLY A 128 6.95 -21.79 0.22
CA GLY A 128 6.99 -22.43 1.54
C GLY A 128 7.82 -21.66 2.55
N THR A 129 8.65 -20.71 2.08
CA THR A 129 9.35 -19.85 3.00
C THR A 129 8.44 -19.21 4.08
N LYS A 130 8.89 -19.20 5.32
CA LYS A 130 8.13 -18.56 6.38
C LYS A 130 8.63 -17.11 6.62
N VAL A 131 7.72 -16.19 6.87
CA VAL A 131 8.07 -14.84 7.33
C VAL A 131 7.31 -14.51 8.61
N LYS A 132 7.93 -13.69 9.43
CA LYS A 132 7.27 -13.22 10.64
C LYS A 132 6.91 -11.75 10.43
N LEU A 133 5.65 -11.40 10.71
CA LEU A 133 5.18 -9.99 10.63
C LEU A 133 5.18 -9.45 12.02
N SER A 134 5.68 -8.23 12.21
CA SER A 134 5.81 -7.64 13.54
CA SER A 134 5.81 -7.64 13.54
C SER A 134 5.09 -6.30 13.58
N GLY A 135 4.53 -5.93 14.72
CA GLY A 135 3.86 -4.64 14.88
C GLY A 135 2.50 -4.63 14.23
N ILE A 136 1.97 -3.46 13.92
CA ILE A 136 0.66 -3.43 13.32
C ILE A 136 0.82 -3.23 11.83
N VAL A 137 0.32 -4.17 11.05
CA VAL A 137 0.50 -4.11 9.62
C VAL A 137 -0.75 -3.57 8.95
N ASP A 138 -0.58 -2.52 8.13
CA ASP A 138 -1.74 -1.96 7.45
C ASP A 138 -2.18 -2.82 6.30
N ILE A 139 -3.48 -2.87 6.10
CA ILE A 139 -4.00 -3.56 4.97
C ILE A 139 -4.82 -2.57 4.18
N LYS A 140 -4.38 -2.33 2.95
CA LYS A 140 -5.02 -1.38 2.05
C LYS A 140 -5.72 -2.07 0.89
N ASN A 141 -7.05 -2.07 0.95
CA ASN A 141 -7.91 -2.79 0.01
C ASN A 141 -7.45 -4.25 -0.15
N GLY A 142 -7.33 -4.94 0.98
CA GLY A 142 -6.96 -6.34 0.94
C GLY A 142 -5.48 -6.67 0.82
N PHE A 143 -4.63 -5.72 0.42
CA PHE A 143 -3.17 -5.96 0.43
C PHE A 143 -2.48 -5.63 1.75
N LEU A 144 -1.85 -6.61 2.41
CA LEU A 144 -0.96 -6.23 3.50
C LEU A 144 0.21 -5.44 2.97
N LEU A 145 0.57 -4.39 3.70
CA LEU A 145 1.63 -3.52 3.27
C LEU A 145 2.86 -3.85 4.07
N LEU A 146 3.82 -4.51 3.42
CA LEU A 146 5.00 -5.01 4.07
C LEU A 146 6.24 -4.29 3.64
N ASN A 147 7.16 -4.12 4.56
CA ASN A 147 8.48 -3.66 4.19
C ASN A 147 9.47 -4.14 5.20
N ASP A 148 10.71 -3.66 5.14
CA ASP A 148 11.77 -4.22 5.93
C ASP A 148 11.54 -3.98 7.41
N SER A 149 10.68 -3.00 7.72
CA SER A 149 10.40 -2.68 9.12
C SER A 149 9.52 -3.70 9.79
N ASN A 150 8.62 -4.34 9.04
CA ASN A 150 7.62 -5.12 9.73
C ASN A 150 7.66 -6.61 9.31
N THR A 151 8.69 -6.97 8.59
CA THR A 151 8.76 -8.32 7.96
C THR A 151 10.10 -8.91 8.22
N THR A 152 10.15 -10.13 8.75
CA THR A 152 11.40 -10.81 8.91
C THR A 152 11.35 -12.18 8.17
N VAL A 153 12.33 -12.48 7.33
CA VAL A 153 12.30 -13.81 6.65
C VAL A 153 12.91 -14.86 7.59
N LEU A 154 12.13 -15.89 7.93
CA LEU A 154 12.65 -16.94 8.81
C LEU A 154 13.28 -18.09 8.02
N GLY A 155 12.90 -18.25 6.75
CA GLY A 155 13.54 -19.26 5.92
C GLY A 155 12.69 -20.51 5.82
N GLY A 156 13.32 -21.66 5.52
CA GLY A 156 12.53 -22.86 5.27
C GLY A 156 12.14 -22.95 3.81
N GLU A 157 11.81 -24.15 3.39
CA GLU A 157 11.25 -24.33 2.06
C GLU A 157 10.29 -25.50 2.13
N VAL A 158 9.23 -25.44 1.33
CA VAL A 158 8.32 -26.57 1.27
C VAL A 158 8.47 -27.08 -0.17
N GLU A 159 9.16 -28.21 -0.35
CA GLU A 159 9.47 -28.62 -1.73
C GLU A 159 8.20 -28.98 -2.51
N HIS A 160 8.25 -28.73 -3.82
CA HIS A 160 7.20 -29.11 -4.73
C HIS A 160 5.85 -28.55 -4.30
N LEU A 161 5.85 -27.36 -3.71
CA LEU A 161 4.60 -26.80 -3.17
C LEU A 161 3.53 -26.69 -4.24
N ILE A 162 2.32 -27.16 -3.95
CA ILE A 162 1.16 -27.08 -4.85
C ILE A 162 0.21 -26.04 -4.27
N GLU A 163 -0.17 -25.00 -5.02
CA GLU A 163 -0.96 -23.95 -4.38
C GLU A 163 -2.34 -24.34 -4.02
N LYS A 164 -2.96 -25.18 -4.83
CA LYS A 164 -4.33 -25.62 -4.56
C LYS A 164 -4.49 -27.13 -4.41
N TRP A 165 -4.57 -27.57 -3.16
CA TRP A 165 -4.84 -28.96 -2.88
C TRP A 165 -6.30 -29.31 -3.15
N GLY B 1 -14.40 36.12 -27.26
CA GLY B 1 -15.31 36.54 -26.18
C GLY B 1 -15.04 35.65 -24.95
N PRO B 2 -15.74 35.91 -23.85
CA PRO B 2 -15.39 35.32 -22.57
C PRO B 2 -15.61 33.85 -22.57
N GLY B 3 -16.64 33.37 -23.26
CA GLY B 3 -16.82 31.92 -23.20
C GLY B 3 -15.73 31.18 -23.96
N HIS B 4 -15.32 31.67 -25.13
CA HIS B 4 -14.14 31.07 -25.75
C HIS B 4 -12.89 31.27 -24.90
N MET B 5 -12.77 32.42 -24.22
CA MET B 5 -11.56 32.61 -23.40
C MET B 5 -11.53 31.60 -22.24
N ALA B 6 -12.70 31.24 -21.72
CA ALA B 6 -12.75 30.20 -20.66
C ALA B 6 -12.33 28.85 -21.23
N GLN B 7 -12.72 28.55 -22.50
CA GLN B 7 -12.28 27.31 -23.09
C GLN B 7 -10.78 27.25 -23.22
N VAL B 8 -10.17 28.32 -23.75
CA VAL B 8 -8.71 28.24 -23.94
CA VAL B 8 -8.76 28.32 -23.96
C VAL B 8 -8.00 28.29 -22.61
N ALA B 9 -8.57 28.94 -21.59
CA ALA B 9 -7.98 28.86 -20.25
C ALA B 9 -8.00 27.41 -19.74
N GLY B 10 -9.12 26.70 -20.00
CA GLY B 10 -9.18 25.29 -19.59
C GLY B 10 -8.13 24.45 -20.30
N ALA B 11 -7.92 24.74 -21.58
CA ALA B 11 -6.92 23.99 -22.31
C ALA B 11 -5.52 24.31 -21.79
N ALA B 12 -5.25 25.59 -21.49
CA ALA B 12 -3.92 25.92 -20.96
C ALA B 12 -3.73 25.27 -19.61
N LEU B 13 -4.79 25.28 -18.80
CA LEU B 13 -4.70 24.65 -17.47
C LEU B 13 -4.32 23.15 -17.61
N SER B 14 -5.01 22.45 -18.50
CA SER B 14 -4.76 21.00 -18.61
CA SER B 14 -4.79 21.01 -18.70
C SER B 14 -3.40 20.74 -19.25
N GLN B 15 -2.89 21.65 -20.08
CA GLN B 15 -1.52 21.51 -20.56
C GLN B 15 -0.51 21.56 -19.41
N ALA B 16 -0.83 22.33 -18.35
CA ALA B 16 -0.02 22.38 -17.11
C ALA B 16 -0.36 21.22 -16.12
N GLY B 17 -1.37 20.45 -16.38
CA GLY B 17 -1.74 19.34 -15.51
C GLY B 17 -2.97 19.59 -14.65
N TRP B 18 -3.49 20.83 -14.66
CA TRP B 18 -4.72 21.16 -13.89
C TRP B 18 -5.95 20.76 -14.69
N TYR B 19 -6.74 19.83 -14.16
CA TYR B 19 -7.93 19.38 -14.84
C TYR B 19 -9.11 19.91 -14.06
N LEU B 20 -9.65 21.04 -14.51
CA LEU B 20 -10.79 21.65 -13.81
C LEU B 20 -12.03 21.53 -14.70
N SER B 21 -13.20 21.42 -14.08
CA SER B 21 -14.44 21.40 -14.87
C SER B 21 -14.71 22.81 -15.42
N ASP B 22 -15.57 22.90 -16.44
CA ASP B 22 -15.89 24.22 -16.95
C ASP B 22 -16.52 25.09 -15.85
N GLU B 23 -17.39 24.45 -15.04
CA GLU B 23 -18.00 25.16 -13.95
C GLU B 23 -16.98 25.59 -12.88
N GLY B 24 -16.01 24.71 -12.64
CA GLY B 24 -14.95 25.00 -11.68
C GLY B 24 -14.10 26.17 -12.14
N ILE B 25 -13.81 26.21 -13.43
CA ILE B 25 -13.06 27.36 -13.97
C ILE B 25 -13.84 28.66 -13.78
N GLU B 26 -15.14 28.69 -14.08
CA GLU B 26 -15.92 29.91 -13.81
C GLU B 26 -15.89 30.29 -12.36
N ALA B 27 -15.97 29.26 -11.50
CA ALA B 27 -15.97 29.52 -10.08
C ALA B 27 -14.71 30.24 -9.60
N CYS B 28 -13.59 29.94 -10.26
CA CYS B 28 -12.30 30.53 -9.91
C CYS B 28 -12.00 31.86 -10.58
N THR B 29 -12.89 32.35 -11.44
CA THR B 29 -12.68 33.68 -12.05
C THR B 29 -13.09 34.82 -11.15
N SER B 30 -12.78 36.07 -11.53
CA SER B 30 -13.30 37.22 -10.76
C SER B 30 -14.30 38.07 -11.50
N SER B 31 -14.46 37.89 -12.81
CA SER B 31 -15.42 38.67 -13.55
C SER B 31 -15.86 37.79 -14.67
N PRO B 32 -17.12 37.98 -15.12
CA PRO B 32 -17.56 37.09 -16.19
C PRO B 32 -17.02 37.51 -17.55
N ASP B 33 -16.36 38.66 -17.60
CA ASP B 33 -15.96 39.24 -18.88
C ASP B 33 -14.54 38.90 -19.23
N LYS B 34 -13.82 38.39 -18.23
CA LYS B 34 -12.36 38.22 -18.28
C LYS B 34 -11.93 36.92 -17.59
N VAL B 35 -10.76 36.40 -17.92
CA VAL B 35 -10.30 35.13 -17.37
C VAL B 35 -8.80 35.29 -17.28
N ASN B 36 -8.25 35.02 -16.11
CA ASN B 36 -6.77 35.05 -15.97
C ASN B 36 -6.31 33.72 -15.34
N VAL B 37 -5.62 32.89 -16.09
CA VAL B 37 -5.26 31.57 -15.57
C VAL B 37 -4.42 31.68 -14.29
N ASN B 38 -3.64 32.73 -14.19
CA ASN B 38 -2.80 32.87 -12.96
C ASN B 38 -3.66 33.01 -11.73
N ASP B 39 -4.75 33.79 -11.82
CA ASP B 39 -5.67 33.93 -10.68
C ASP B 39 -6.40 32.62 -10.41
N ILE B 40 -6.81 31.92 -11.47
CA ILE B 40 -7.48 30.64 -11.32
C ILE B 40 -6.62 29.65 -10.56
N ILE B 41 -5.32 29.55 -10.95
CA ILE B 41 -4.43 28.65 -10.22
C ILE B 41 -4.30 29.01 -8.74
N LEU B 42 -4.17 30.31 -8.42
CA LEU B 42 -4.02 30.73 -7.00
C LEU B 42 -5.25 30.30 -6.18
N ILE B 43 -6.45 30.45 -6.74
CA ILE B 43 -7.65 30.02 -6.03
C ILE B 43 -7.73 28.51 -5.99
N ALA B 44 -7.43 27.84 -7.10
CA ALA B 44 -7.52 26.40 -7.13
C ALA B 44 -6.59 25.74 -6.12
N LEU B 45 -5.39 26.28 -5.92
CA LEU B 45 -4.48 25.69 -4.92
C LEU B 45 -5.17 25.59 -3.54
N ASN B 46 -6.00 26.58 -3.21
CA ASN B 46 -6.64 26.64 -1.89
C ASN B 46 -8.07 26.19 -1.90
N THR B 47 -8.46 25.42 -2.91
CA THR B 47 -9.85 24.95 -2.86
CA THR B 47 -9.84 24.91 -2.99
C THR B 47 -9.84 23.41 -3.00
N ASP B 48 -10.87 22.81 -2.45
CA ASP B 48 -10.94 21.36 -2.56
C ASP B 48 -11.12 20.89 -4.01
N LEU B 49 -10.22 20.04 -4.50
CA LEU B 49 -10.33 19.58 -5.91
C LEU B 49 -11.61 18.78 -6.20
N ARG B 50 -12.24 18.21 -5.14
CA ARG B 50 -13.53 17.58 -5.37
C ARG B 50 -14.62 18.58 -5.76
N THR B 51 -14.42 19.84 -5.46
CA THR B 51 -15.46 20.83 -5.81
C THR B 51 -15.28 21.36 -7.27
N ILE B 52 -14.02 21.63 -7.67
CA ILE B 52 -13.77 22.28 -8.95
C ILE B 52 -13.10 21.39 -10.01
N GLY B 53 -12.68 20.19 -9.60
CA GLY B 53 -11.92 19.36 -10.52
C GLY B 53 -12.75 18.54 -11.50
N LYS B 54 -12.09 18.17 -12.60
CA LYS B 54 -12.63 17.29 -13.63
CA LYS B 54 -12.62 17.29 -13.63
C LYS B 54 -11.90 15.93 -13.56
N LYS B 55 -12.64 14.85 -13.74
CA LYS B 55 -12.02 13.51 -13.70
C LYS B 55 -10.92 13.38 -14.73
N PHE B 56 -9.77 12.86 -14.34
CA PHE B 56 -8.80 12.51 -15.36
CA PHE B 56 -8.58 12.65 -15.20
C PHE B 56 -8.12 11.18 -15.08
N LEU B 57 -8.20 10.66 -13.86
CA LEU B 57 -7.66 9.30 -13.61
C LEU B 57 -8.59 8.25 -14.17
N PRO B 58 -8.03 7.10 -14.59
CA PRO B 58 -8.92 6.03 -15.04
C PRO B 58 -9.68 5.44 -13.86
N SER B 59 -10.90 5.03 -14.10
CA SER B 59 -11.83 4.60 -13.10
C SER B 59 -11.28 3.40 -12.36
N ASP B 60 -10.41 2.66 -13.04
CA ASP B 60 -9.94 1.39 -12.51
C ASP B 60 -8.46 1.40 -12.11
N ILE B 61 -7.95 2.57 -11.70
CA ILE B 61 -6.56 2.77 -11.41
C ILE B 61 -6.14 1.89 -10.22
N ASN B 62 -7.10 1.52 -9.39
CA ASN B 62 -6.77 0.77 -8.19
C ASN B 62 -6.78 -0.76 -8.44
N SER B 63 -7.34 -1.18 -9.57
CA SER B 63 -7.60 -2.61 -9.84
C SER B 63 -6.37 -3.43 -10.18
N GLY B 64 -5.27 -2.78 -10.54
CA GLY B 64 -4.06 -3.46 -10.93
C GLY B 64 -3.92 -3.51 -12.44
N LYS B 65 -5.04 -3.34 -13.14
CA LYS B 65 -5.04 -3.36 -14.61
C LYS B 65 -4.29 -2.19 -15.25
N VAL B 66 -4.34 -1.02 -14.61
CA VAL B 66 -3.59 0.12 -15.13
C VAL B 66 -2.15 0.07 -14.67
N GLU B 67 -1.20 0.25 -15.57
CA GLU B 67 0.21 0.08 -15.20
C GLU B 67 1.06 1.32 -15.30
N LYS B 68 0.51 2.35 -15.94
CA LYS B 68 1.25 3.60 -16.07
C LYS B 68 0.27 4.77 -16.06
N LEU B 69 0.76 5.91 -15.62
CA LEU B 69 -0.01 7.14 -15.62
C LEU B 69 0.86 8.18 -16.29
N GLU B 70 0.33 8.85 -17.30
CA GLU B 70 1.17 9.80 -17.98
C GLU B 70 0.82 11.24 -17.55
N GLY B 71 1.81 11.97 -17.05
CA GLY B 71 1.61 13.35 -16.62
C GLY B 71 1.59 14.31 -17.79
N PRO B 72 1.43 15.60 -17.51
CA PRO B 72 1.29 16.16 -16.14
C PRO B 72 -0.15 16.05 -15.61
N CYS B 73 -0.23 15.91 -14.29
CA CYS B 73 -1.54 15.99 -13.67
C CYS B 73 -1.41 16.40 -12.22
N VAL B 74 -2.28 17.35 -11.88
CA VAL B 74 -2.38 17.82 -10.51
C VAL B 74 -3.40 17.04 -9.71
N LEU B 75 -2.96 16.56 -8.53
CA LEU B 75 -3.80 15.73 -7.66
C LEU B 75 -3.80 16.39 -6.28
N GLN B 76 -4.77 16.04 -5.45
CA GLN B 76 -4.84 16.55 -4.08
C GLN B 76 -4.54 15.42 -3.08
N ILE B 77 -3.71 15.75 -2.11
CA ILE B 77 -3.47 14.80 -1.01
C ILE B 77 -4.60 14.82 0.00
N GLN B 78 -5.20 13.67 0.29
CA GLN B 78 -6.28 13.53 1.22
C GLN B 78 -5.79 13.13 2.62
N LYS B 79 -4.80 12.24 2.66
CA LYS B 79 -4.30 11.67 3.93
C LYS B 79 -2.90 11.08 3.71
N ILE B 80 -2.03 11.17 4.72
CA ILE B 80 -0.70 10.61 4.63
C ILE B 80 -0.44 9.74 5.88
N ARG B 81 0.18 8.57 5.68
CA ARG B 81 0.53 7.65 6.79
C ARG B 81 1.88 7.03 6.48
N ASN B 82 2.54 6.47 7.51
CA ASN B 82 3.67 5.55 7.23
C ASN B 82 3.18 4.23 6.70
N VAL B 83 3.98 3.57 5.87
CA VAL B 83 3.57 2.24 5.41
C VAL B 83 3.49 1.26 6.59
N ALA B 84 4.51 1.27 7.44
CA ALA B 84 4.52 0.36 8.60
C ALA B 84 4.45 1.17 9.87
N ARG B 97 12.53 6.04 5.30
CA ARG B 97 11.12 6.40 5.48
C ARG B 97 10.35 6.13 4.22
N MET B 98 9.16 5.56 4.37
CA MET B 98 8.33 5.22 3.22
C MET B 98 6.90 5.65 3.55
N LEU B 99 6.42 6.68 2.85
CA LEU B 99 5.05 7.17 3.13
C LEU B 99 4.01 6.60 2.15
N ARG B 100 2.79 6.47 2.65
CA ARG B 100 1.63 6.11 1.86
C ARG B 100 0.74 7.38 1.77
N LEU B 101 0.26 7.72 0.56
CA LEU B 101 -0.54 8.95 0.36
C LEU B 101 -1.81 8.56 -0.30
N GLN B 102 -2.94 9.03 0.23
CA GLN B 102 -4.20 8.82 -0.46
C GLN B 102 -4.38 10.12 -1.28
N MET B 103 -4.59 9.98 -2.58
CA MET B 103 -4.67 11.16 -3.47
C MET B 103 -5.92 11.12 -4.29
N THR B 104 -6.36 12.30 -4.79
CA THR B 104 -7.61 12.27 -5.55
C THR B 104 -7.51 13.30 -6.70
N ASP B 105 -8.16 13.03 -7.84
CA ASP B 105 -8.35 14.06 -8.85
C ASP B 105 -9.67 14.82 -8.64
N GLY B 106 -10.33 14.58 -7.49
CA GLY B 106 -11.63 15.16 -7.23
C GLY B 106 -12.77 14.19 -7.46
N HIS B 107 -12.44 13.06 -8.10
CA HIS B 107 -13.44 12.06 -8.49
C HIS B 107 -13.08 10.63 -8.19
N ILE B 108 -11.84 10.29 -8.56
CA ILE B 108 -11.27 8.97 -8.38
C ILE B 108 -10.21 9.08 -7.27
N SER B 109 -10.18 8.18 -6.28
CA SER B 109 -9.07 8.17 -5.32
C SER B 109 -8.05 7.09 -5.65
N CYS B 110 -6.79 7.35 -5.35
CA CYS B 110 -5.76 6.36 -5.59
C CYS B 110 -4.78 6.35 -4.43
N THR B 111 -3.87 5.39 -4.42
CA THR B 111 -2.91 5.28 -3.32
C THR B 111 -1.51 5.37 -3.86
N ALA B 112 -0.65 6.21 -3.30
CA ALA B 112 0.71 6.36 -3.80
C ALA B 112 1.69 5.91 -2.73
N VAL B 113 2.91 5.48 -3.11
CA VAL B 113 3.99 5.34 -2.12
C VAL B 113 5.20 6.13 -2.50
N GLU B 114 5.87 6.64 -1.47
CA GLU B 114 7.21 7.27 -1.54
C GLU B 114 8.25 6.22 -1.86
N PHE B 115 8.44 5.94 -3.15
CA PHE B 115 9.31 4.84 -3.56
C PHE B 115 10.76 5.18 -3.21
N SER B 116 11.20 6.39 -3.54
CA SER B 116 12.47 6.90 -3.06
C SER B 116 12.23 8.10 -2.16
N TYR B 117 13.23 8.44 -1.34
CA TYR B 117 13.07 9.48 -0.33
C TYR B 117 12.73 10.83 -0.93
N MET B 118 11.55 11.32 -0.60
CA MET B 118 11.11 12.63 -1.06
C MET B 118 11.17 13.62 0.09
N SER B 119 12.27 14.35 0.22
CA SER B 119 12.38 15.31 1.32
C SER B 119 11.24 16.34 1.31
N LYS B 120 10.60 16.49 0.15
CA LYS B 120 9.58 17.51 -0.12
C LYS B 120 8.20 17.26 0.54
N ILE B 121 7.94 16.03 0.94
CA ILE B 121 6.70 15.62 1.62
C ILE B 121 7.05 15.05 3.00
N SER B 122 6.12 15.09 3.94
CA SER B 122 6.28 14.45 5.24
C SER B 122 4.96 14.01 5.78
N LEU B 123 5.05 13.34 6.91
CA LEU B 123 3.85 12.93 7.62
CA LEU B 123 3.84 12.92 7.61
C LEU B 123 2.95 14.12 7.91
N ASN B 124 3.56 15.29 8.07
CA ASN B 124 2.86 16.52 8.42
C ASN B 124 2.35 17.35 7.22
N THR B 125 2.61 16.89 6.00
CA THR B 125 2.15 17.64 4.82
C THR B 125 0.61 17.70 4.93
N PRO B 126 0.06 18.90 4.89
CA PRO B 126 -1.39 19.04 5.17
C PRO B 126 -2.30 18.46 4.12
N PRO B 127 -3.34 17.76 4.55
CA PRO B 127 -4.41 17.36 3.62
C PRO B 127 -4.87 18.58 2.81
N GLY B 128 -5.13 18.40 1.53
CA GLY B 128 -5.55 19.53 0.73
C GLY B 128 -4.40 20.04 -0.12
N THR B 129 -3.15 19.73 0.29
CA THR B 129 -1.97 20.06 -0.52
C THR B 129 -2.10 19.50 -1.92
N LYS B 130 -1.69 20.27 -2.92
CA LYS B 130 -1.73 19.81 -4.29
C LYS B 130 -0.32 19.36 -4.72
N VAL B 131 -0.28 18.34 -5.54
CA VAL B 131 1.00 17.89 -6.12
CA VAL B 131 0.97 17.83 -6.10
C VAL B 131 0.80 17.68 -7.61
N LYS B 132 1.88 17.85 -8.38
CA LYS B 132 1.87 17.62 -9.81
C LYS B 132 2.71 16.39 -10.10
N LEU B 133 2.14 15.42 -10.76
CA LEU B 133 2.90 14.21 -11.23
C LEU B 133 3.35 14.49 -12.64
N SER B 134 4.58 14.12 -13.00
CA SER B 134 5.06 14.51 -14.34
C SER B 134 5.83 13.33 -14.91
N GLY B 135 5.95 13.27 -16.24
CA GLY B 135 6.54 12.07 -16.84
C GLY B 135 5.60 10.87 -16.80
N ILE B 136 6.17 9.68 -16.91
CA ILE B 136 5.40 8.47 -16.84
C ILE B 136 5.61 7.92 -15.44
N VAL B 137 4.50 7.79 -14.74
CA VAL B 137 4.47 7.26 -13.39
C VAL B 137 4.10 5.80 -13.43
N ASP B 138 4.96 4.96 -12.85
CA ASP B 138 4.62 3.54 -12.77
C ASP B 138 3.59 3.26 -11.70
N ILE B 139 2.66 2.39 -12.03
CA ILE B 139 1.61 1.92 -11.16
C ILE B 139 1.71 0.38 -11.03
N LYS B 140 2.15 -0.09 -9.87
CA LYS B 140 2.32 -1.54 -9.66
C LYS B 140 1.31 -2.09 -8.65
N ASN B 141 0.52 -3.08 -9.06
CA ASN B 141 -0.60 -3.59 -8.26
C ASN B 141 -1.60 -2.54 -7.81
N GLY B 142 -1.65 -1.42 -8.52
CA GLY B 142 -2.54 -0.36 -8.12
C GLY B 142 -1.91 0.75 -7.30
N PHE B 143 -0.62 0.67 -7.02
CA PHE B 143 0.03 1.71 -6.27
C PHE B 143 0.89 2.59 -7.17
N LEU B 144 0.67 3.90 -7.11
CA LEU B 144 1.51 4.85 -7.80
C LEU B 144 2.89 4.91 -7.17
N LEU B 145 3.96 4.82 -7.96
CA LEU B 145 5.26 4.91 -7.35
C LEU B 145 5.89 6.26 -7.57
N LEU B 146 6.00 7.01 -6.49
CA LEU B 146 6.46 8.38 -6.54
C LEU B 146 7.87 8.57 -6.09
N ASN B 147 8.54 9.58 -6.63
CA ASN B 147 9.89 9.92 -6.23
C ASN B 147 10.08 11.37 -6.53
N ASP B 148 11.26 11.91 -6.20
CA ASP B 148 11.59 13.31 -6.41
C ASP B 148 11.56 13.70 -7.86
N SER B 149 11.76 12.73 -8.73
CA SER B 149 11.86 13.02 -10.16
C SER B 149 10.49 13.17 -10.81
N ASN B 150 9.45 12.51 -10.29
CA ASN B 150 8.14 12.62 -10.92
C ASN B 150 7.06 13.38 -10.12
N THR B 151 7.45 13.94 -8.98
CA THR B 151 6.49 14.58 -8.07
C THR B 151 6.93 15.95 -7.67
N THR B 152 6.06 16.94 -7.81
CA THR B 152 6.39 18.30 -7.41
C THR B 152 5.30 18.78 -6.43
N VAL B 153 5.69 19.22 -5.24
CA VAL B 153 4.70 19.73 -4.29
C VAL B 153 4.32 21.16 -4.67
N LEU B 154 3.04 21.42 -4.93
CA LEU B 154 2.66 22.79 -5.33
C LEU B 154 2.18 23.62 -4.16
N GLY B 155 1.76 22.97 -3.08
CA GLY B 155 1.25 23.70 -1.92
C GLY B 155 -0.26 23.81 -1.91
N GLY B 156 -0.75 24.85 -1.25
CA GLY B 156 -2.18 25.06 -1.15
C GLY B 156 -2.68 24.47 0.13
N GLU B 157 -3.78 25.00 0.62
CA GLU B 157 -4.40 24.46 1.78
C GLU B 157 -5.92 24.38 1.64
N VAL B 158 -6.50 23.35 2.26
CA VAL B 158 -7.95 23.17 2.32
C VAL B 158 -8.25 22.92 3.81
N GLU B 159 -8.93 23.86 4.43
CA GLU B 159 -9.07 23.77 5.89
C GLU B 159 -10.07 22.69 6.26
N HIS B 160 -9.85 22.01 7.41
CA HIS B 160 -10.81 21.06 7.98
C HIS B 160 -11.25 20.00 7.01
N LEU B 161 -10.29 19.50 6.22
CA LEU B 161 -10.63 18.55 5.17
C LEU B 161 -11.21 17.26 5.73
N ILE B 162 -12.31 16.84 5.15
CA ILE B 162 -12.97 15.58 5.44
C ILE B 162 -12.59 14.62 4.36
N GLU B 163 -11.99 13.49 4.74
CA GLU B 163 -11.52 12.56 3.77
C GLU B 163 -12.57 12.00 2.83
N LYS B 164 -13.73 11.64 3.37
CA LYS B 164 -14.79 11.00 2.59
C LYS B 164 -16.11 11.71 2.81
N TRP B 165 -16.56 12.39 1.76
CA TRP B 165 -17.86 13.02 1.83
C TRP B 165 -18.97 12.05 1.63
#